data_4P4O
#
_entry.id   4P4O
#
_cell.length_a   108.680
_cell.length_b   108.680
_cell.length_c   151.641
_cell.angle_alpha   90.00
_cell.angle_beta   90.00
_cell.angle_gamma   120.00
#
_symmetry.space_group_name_H-M   'P 65 2 2'
#
loop_
_entity.id
_entity.type
_entity.pdbx_description
1 polymer 'DNA polymerase beta'
2 polymer "DNA (5'-D(*CP*AP*GP*TP*AP*T)-3')"
3 polymer "DNA (5'-D(P*GP*CP*CP*G)-3')"
4 polymer "DNA (5'-D(P*CP*GP*GP*CP*AP*AP*TP*AP*CP*TP*G)-3')"
5 non-polymer "2',3'-DIDEOXY-THYMIDINE-5'-TRIPHOSPHATE"
6 non-polymer 'SODIUM ION'
7 non-polymer 'MAGNESIUM ION'
8 water water
#
loop_
_entity_poly.entity_id
_entity_poly.type
_entity_poly.pdbx_seq_one_letter_code
_entity_poly.pdbx_strand_id
1 'polypeptide(L)'
;GHMLRRKFLRRDHRENIIRIFQEMADLNNALGEKYKVSSYHRSIESLKTNLDKPLNTPQDLKAFSGFGAKLLKKAEEIMA
TGKLEELESKTKPKLKAIQELTQVHGFGPRAAAALFDREGIFTVDELLQKADSIPSLTDQQRVGIKYFYDINEKIPMQES
VLHENYLREKCMEVLGKDFSILICGSYRRRHPFSGDVDAILSRTLDAPPLSEPVAATGVLGHFVEFLESLKYLEATMAQG
PLKYMGMGRLPPRIVRDKAGRENTKVYKARRVDIRLIETKSVPTAMLTFTGSKNFNVIMRQAAISKGYLLNEYGLFKLGT
PEEARALYERIGIRGKNAGEELGVPKDELEDKRVEVRSEQDVFDVLGMPYAKPENRDP
;
A
2 'polydeoxyribonucleotide' (DC)(DA)(DG)(DT)(DA)(DT) E
3 'polydeoxyribonucleotide' (DG)(DC)(DC)(DG) G
4 'polydeoxyribonucleotide' (DC)(DG)(DG)(DC)(DA)(DA)(DT)(DA)(DC)(DT)(DG) F
#
# COMPACT_ATOMS: atom_id res chain seq x y z
N GLN A 22 15.36 -7.81 -23.26
CA GLN A 22 16.77 -7.46 -23.18
C GLN A 22 17.00 -6.42 -22.08
N GLU A 23 16.58 -5.18 -22.34
CA GLU A 23 16.65 -4.15 -21.31
C GLU A 23 15.69 -4.50 -20.19
N MET A 24 15.00 -5.64 -20.36
CA MET A 24 14.21 -6.23 -19.29
C MET A 24 15.14 -6.80 -18.24
N ALA A 25 16.45 -6.66 -18.48
CA ALA A 25 17.46 -6.91 -17.46
C ALA A 25 17.38 -5.81 -16.42
N ASP A 26 16.17 -5.29 -16.23
CA ASP A 26 15.88 -4.32 -15.18
C ASP A 26 15.41 -5.05 -13.95
N LEU A 27 14.72 -6.17 -14.18
CA LEU A 27 14.38 -7.09 -13.12
C LEU A 27 15.64 -7.30 -12.30
N ASN A 28 16.77 -7.23 -12.99
CA ASN A 28 18.09 -7.23 -12.37
C ASN A 28 18.29 -6.00 -11.48
N ASN A 29 18.17 -4.82 -12.07
CA ASN A 29 18.32 -3.56 -11.32
C ASN A 29 17.26 -3.39 -10.24
N ALA A 30 16.16 -4.14 -10.36
CA ALA A 30 15.15 -4.16 -9.33
C ALA A 30 15.74 -4.61 -8.01
N LEU A 31 17.07 -4.77 -7.99
CA LEU A 31 17.82 -4.96 -6.75
C LEU A 31 18.15 -3.61 -6.11
N GLY A 32 17.16 -2.72 -6.12
CA GLY A 32 17.25 -1.47 -5.41
C GLY A 32 17.30 -0.25 -6.31
N GLU A 33 17.96 -0.39 -7.46
CA GLU A 33 18.12 0.70 -8.40
C GLU A 33 16.78 1.18 -8.97
N LYS A 34 15.98 1.81 -8.11
CA LYS A 34 14.64 2.28 -8.48
C LYS A 34 14.64 3.24 -9.67
N TYR A 35 15.60 4.15 -9.71
CA TYR A 35 15.67 5.11 -10.82
C TYR A 35 16.25 4.52 -12.11
N LYS A 36 17.08 3.49 -11.97
CA LYS A 36 17.59 2.79 -13.14
C LYS A 36 16.50 1.92 -13.74
N VAL A 37 15.62 1.41 -12.89
CA VAL A 37 14.50 0.60 -13.35
C VAL A 37 13.57 1.42 -14.23
N SER A 38 13.08 2.52 -13.67
CA SER A 38 12.20 3.42 -14.40
C SER A 38 12.76 3.84 -15.76
N SER A 39 14.08 3.94 -15.83
CA SER A 39 14.73 4.43 -17.05
C SER A 39 14.57 3.48 -18.25
N TYR A 40 14.66 2.17 -18.02
CA TYR A 40 14.53 1.22 -19.11
C TYR A 40 13.07 1.09 -19.54
N HIS A 41 12.17 1.04 -18.56
CA HIS A 41 10.74 1.06 -18.86
C HIS A 41 10.39 2.20 -19.81
N LYS A 70 19.40 4.47 -22.73
CA LYS A 70 20.70 4.93 -23.23
C LYS A 70 21.20 3.93 -24.27
N LEU A 71 21.84 4.43 -25.32
CA LEU A 71 22.33 3.58 -26.41
C LEU A 71 23.61 2.84 -26.05
N LEU A 72 23.59 1.50 -25.95
CA LEU A 72 22.55 0.57 -26.42
C LEU A 72 22.77 0.10 -27.86
N LYS A 73 23.08 1.04 -28.75
CA LYS A 73 23.39 0.68 -30.13
C LYS A 73 24.20 -0.61 -30.11
N LYS A 74 24.94 -0.79 -29.03
CA LYS A 74 25.71 -2.00 -28.78
C LYS A 74 24.90 -3.27 -29.06
N ALA A 75 23.63 -3.26 -28.65
CA ALA A 75 22.75 -4.41 -28.86
C ALA A 75 22.49 -4.66 -30.36
N THR A 91 24.63 -12.15 -16.61
CA THR A 91 23.85 -12.16 -15.36
C THR A 91 24.75 -12.35 -14.15
N LYS A 92 24.46 -13.39 -13.36
CA LYS A 92 25.26 -13.76 -12.18
C LYS A 92 24.50 -14.70 -11.23
N PRO A 93 25.24 -15.51 -10.46
CA PRO A 93 24.65 -16.55 -9.61
C PRO A 93 23.74 -15.96 -8.55
N LYS A 94 24.30 -15.13 -7.68
CA LYS A 94 23.53 -14.57 -6.58
C LYS A 94 22.55 -13.51 -7.05
N LEU A 95 22.82 -12.92 -8.21
CA LEU A 95 21.89 -11.93 -8.75
C LEU A 95 20.54 -12.55 -9.12
N LYS A 96 20.58 -13.67 -9.83
CA LYS A 96 19.37 -14.42 -10.18
C LYS A 96 18.69 -14.95 -8.92
N ALA A 97 19.48 -15.37 -7.94
CA ALA A 97 18.95 -15.78 -6.65
C ALA A 97 18.23 -14.61 -5.97
N ILE A 98 18.92 -13.48 -5.86
CA ILE A 98 18.33 -12.27 -5.32
C ILE A 98 17.05 -11.88 -6.05
N GLN A 99 17.07 -12.00 -7.38
CA GLN A 99 15.91 -11.77 -8.21
C GLN A 99 14.75 -12.70 -7.81
N GLU A 100 15.09 -13.96 -7.59
CA GLU A 100 14.12 -14.95 -7.15
C GLU A 100 13.61 -14.63 -5.73
N LEU A 101 14.54 -14.45 -4.80
CA LEU A 101 14.21 -14.32 -3.39
C LEU A 101 13.41 -13.06 -3.03
N THR A 102 13.65 -11.96 -3.74
CA THR A 102 12.91 -10.72 -3.48
C THR A 102 11.46 -10.84 -3.93
N GLN A 103 11.06 -12.02 -4.42
CA GLN A 103 9.64 -12.29 -4.66
C GLN A 103 8.90 -12.48 -3.34
N VAL A 104 9.65 -12.83 -2.30
CA VAL A 104 9.08 -13.18 -1.00
C VAL A 104 8.89 -11.93 -0.16
N HIS A 105 7.67 -11.74 0.35
CA HIS A 105 7.35 -10.63 1.24
C HIS A 105 8.27 -10.60 2.47
N GLY A 106 8.99 -9.50 2.64
CA GLY A 106 9.88 -9.33 3.78
C GLY A 106 11.33 -9.39 3.34
N PHE A 107 11.53 -9.78 2.08
CA PHE A 107 12.89 -9.89 1.55
C PHE A 107 13.13 -8.91 0.42
N GLY A 108 13.86 -7.85 0.73
CA GLY A 108 14.31 -6.90 -0.29
C GLY A 108 15.71 -7.30 -0.72
N PRO A 109 16.38 -6.42 -1.46
CA PRO A 109 17.71 -6.72 -2.00
C PRO A 109 18.67 -7.18 -0.91
N ARG A 110 18.68 -6.49 0.23
CA ARG A 110 19.66 -6.81 1.27
C ARG A 110 19.34 -8.09 2.04
N ALA A 111 18.08 -8.30 2.37
CA ALA A 111 17.68 -9.53 3.05
C ALA A 111 17.94 -10.74 2.15
N ALA A 112 17.54 -10.62 0.88
CA ALA A 112 17.80 -11.69 -0.08
C ALA A 112 19.31 -11.96 -0.24
N ALA A 113 20.08 -10.91 -0.49
CA ALA A 113 21.54 -11.05 -0.57
C ALA A 113 22.09 -11.76 0.67
N ALA A 114 21.52 -11.44 1.83
CA ALA A 114 21.94 -12.10 3.07
C ALA A 114 21.59 -13.59 3.11
N LEU A 115 20.41 -13.94 2.59
CA LEU A 115 20.05 -15.35 2.50
C LEU A 115 21.05 -16.11 1.64
N PHE A 116 21.38 -15.53 0.49
CA PHE A 116 22.34 -16.15 -0.42
C PHE A 116 23.71 -16.25 0.25
N ASP A 117 24.18 -15.13 0.81
CA ASP A 117 25.53 -15.02 1.36
C ASP A 117 25.74 -15.85 2.62
N ARG A 118 24.77 -15.85 3.52
CA ARG A 118 24.97 -16.42 4.85
C ARG A 118 24.23 -17.73 5.06
N GLU A 119 23.30 -18.05 4.17
CA GLU A 119 22.47 -19.24 4.33
C GLU A 119 22.63 -20.23 3.16
N GLY A 120 23.30 -19.79 2.09
CA GLY A 120 23.49 -20.63 0.92
C GLY A 120 22.19 -20.93 0.19
N ILE A 121 21.23 -20.01 0.25
CA ILE A 121 19.95 -20.22 -0.40
C ILE A 121 19.87 -19.58 -1.79
N PHE A 122 19.52 -20.39 -2.78
CA PHE A 122 19.49 -19.94 -4.17
C PHE A 122 18.04 -19.72 -4.59
N THR A 123 17.12 -20.40 -3.92
CA THR A 123 15.76 -20.52 -4.42
C THR A 123 14.72 -20.30 -3.32
N VAL A 124 13.55 -19.79 -3.71
CA VAL A 124 12.43 -19.72 -2.79
C VAL A 124 12.14 -21.09 -2.15
N ASP A 125 12.16 -22.14 -2.96
CA ASP A 125 11.80 -23.47 -2.46
C ASP A 125 12.77 -23.94 -1.38
N GLU A 126 14.03 -23.60 -1.55
CA GLU A 126 15.04 -23.90 -0.54
C GLU A 126 14.77 -23.10 0.72
N LEU A 127 14.34 -21.85 0.54
CA LEU A 127 13.98 -21.00 1.67
C LEU A 127 12.79 -21.58 2.43
N LEU A 128 11.76 -22.03 1.72
CA LEU A 128 10.61 -22.65 2.39
C LEU A 128 11.04 -23.84 3.22
N GLN A 129 11.91 -24.68 2.65
CA GLN A 129 12.35 -25.87 3.35
C GLN A 129 13.13 -25.50 4.61
N LYS A 130 13.94 -24.45 4.50
CA LYS A 130 14.93 -24.15 5.50
C LYS A 130 14.47 -23.12 6.54
N ALA A 131 13.37 -22.42 6.22
CA ALA A 131 12.93 -21.26 7.01
C ALA A 131 12.95 -21.46 8.52
N ASP A 132 12.33 -22.53 9.00
CA ASP A 132 12.17 -22.75 10.44
C ASP A 132 13.51 -22.93 11.16
N SER A 133 14.54 -23.26 10.38
CA SER A 133 15.85 -23.53 10.95
C SER A 133 16.71 -22.28 11.05
N ILE A 134 16.26 -21.21 10.41
CA ILE A 134 16.97 -19.92 10.42
C ILE A 134 16.36 -18.97 11.45
N PRO A 135 17.05 -18.81 12.58
CA PRO A 135 16.57 -18.03 13.73
C PRO A 135 16.47 -16.54 13.44
N SER A 136 17.24 -16.05 12.47
CA SER A 136 17.32 -14.60 12.25
C SER A 136 16.15 -14.01 11.46
N LEU A 137 15.26 -14.86 10.93
CA LEU A 137 14.13 -14.35 10.15
C LEU A 137 13.13 -13.60 11.05
N THR A 138 12.59 -12.51 10.54
CA THR A 138 11.57 -11.73 11.24
C THR A 138 10.22 -12.44 11.13
N ASP A 139 9.27 -12.06 11.99
CA ASP A 139 7.94 -12.64 11.92
C ASP A 139 7.30 -12.30 10.57
N GLN A 140 7.54 -11.09 10.09
CA GLN A 140 7.05 -10.66 8.79
C GLN A 140 7.57 -11.58 7.69
N GLN A 141 8.84 -11.93 7.77
CA GLN A 141 9.45 -12.82 6.79
C GLN A 141 8.86 -14.24 6.85
N ARG A 142 8.58 -14.73 8.06
CA ARG A 142 8.05 -16.08 8.24
C ARG A 142 6.64 -16.21 7.67
N VAL A 143 5.85 -15.15 7.81
CA VAL A 143 4.52 -15.10 7.21
C VAL A 143 4.61 -15.05 5.68
N GLY A 144 5.48 -14.19 5.17
CA GLY A 144 5.71 -14.11 3.73
C GLY A 144 6.10 -15.46 3.15
N ILE A 145 6.89 -16.21 3.91
CA ILE A 145 7.33 -17.53 3.49
C ILE A 145 6.20 -18.55 3.53
N LYS A 146 5.50 -18.59 4.64
CA LYS A 146 4.42 -19.56 4.83
C LYS A 146 3.35 -19.41 3.75
N TYR A 147 3.01 -18.17 3.42
CA TYR A 147 1.93 -17.93 2.46
C TYR A 147 2.40 -17.66 1.03
N PHE A 148 3.69 -17.85 0.78
CA PHE A 148 4.27 -17.50 -0.51
C PHE A 148 3.43 -17.94 -1.71
N TYR A 149 3.07 -19.22 -1.76
CA TYR A 149 2.36 -19.77 -2.92
C TYR A 149 0.97 -19.16 -3.12
N ASP A 150 0.23 -18.95 -2.02
CA ASP A 150 -1.06 -18.27 -2.08
C ASP A 150 -0.90 -16.82 -2.51
N ILE A 151 0.11 -16.14 -1.99
CA ILE A 151 0.37 -14.76 -2.36
C ILE A 151 0.64 -14.62 -3.87
N ASN A 152 1.28 -15.62 -4.48
CA ASN A 152 1.57 -15.54 -5.92
C ASN A 152 0.39 -15.84 -6.85
N GLU A 153 -0.75 -16.20 -6.28
CA GLU A 153 -1.95 -16.39 -7.09
C GLU A 153 -2.69 -15.07 -7.21
N LYS A 154 -3.07 -14.69 -8.43
CA LYS A 154 -3.82 -13.47 -8.62
C LYS A 154 -5.27 -13.68 -8.18
N ILE A 155 -5.88 -12.59 -7.73
CA ILE A 155 -7.27 -12.63 -7.27
C ILE A 155 -8.22 -12.20 -8.38
N PRO A 156 -9.17 -13.06 -8.75
CA PRO A 156 -10.11 -12.64 -9.81
C PRO A 156 -11.08 -11.60 -9.29
N MET A 157 -11.43 -10.64 -10.15
CA MET A 157 -12.33 -9.54 -9.77
C MET A 157 -13.55 -9.98 -8.99
N GLN A 158 -14.16 -11.09 -9.39
CA GLN A 158 -15.37 -11.56 -8.73
C GLN A 158 -15.12 -11.93 -7.27
N GLU A 159 -13.93 -12.43 -6.97
CA GLU A 159 -13.58 -12.72 -5.59
C GLU A 159 -13.38 -11.41 -4.81
N SER A 160 -12.78 -10.41 -5.44
CA SER A 160 -12.59 -9.12 -4.79
C SER A 160 -13.92 -8.46 -4.45
N VAL A 161 -14.94 -8.72 -5.27
CA VAL A 161 -16.28 -8.23 -4.94
C VAL A 161 -16.72 -8.81 -3.59
N LEU A 162 -16.42 -10.09 -3.36
CA LEU A 162 -16.79 -10.76 -2.11
C LEU A 162 -16.02 -10.21 -0.92
N HIS A 163 -14.72 -10.00 -1.09
CA HIS A 163 -13.91 -9.37 -0.04
C HIS A 163 -14.51 -8.02 0.30
N GLU A 164 -14.88 -7.25 -0.72
CA GLU A 164 -15.46 -5.93 -0.49
C GLU A 164 -16.75 -6.03 0.32
N ASN A 165 -17.66 -6.89 -0.14
CA ASN A 165 -18.93 -7.10 0.56
C ASN A 165 -18.72 -7.56 2.00
N TYR A 166 -17.83 -8.53 2.17
CA TYR A 166 -17.53 -9.06 3.48
C TYR A 166 -17.01 -7.96 4.41
N LEU A 167 -15.98 -7.25 3.95
CA LEU A 167 -15.38 -6.20 4.76
C LEU A 167 -16.38 -5.11 5.15
N ARG A 168 -17.21 -4.70 4.20
CA ARG A 168 -18.28 -3.73 4.45
C ARG A 168 -19.28 -4.22 5.48
N GLU A 169 -19.66 -5.49 5.39
CA GLU A 169 -20.61 -6.07 6.34
C GLU A 169 -20.04 -6.15 7.75
N LYS A 170 -18.80 -6.63 7.87
CA LYS A 170 -18.22 -6.78 9.21
C LYS A 170 -17.90 -5.42 9.81
N CYS A 171 -17.60 -4.46 8.95
CA CYS A 171 -17.35 -3.10 9.40
C CYS A 171 -18.63 -2.53 10.01
N MET A 172 -19.74 -2.66 9.29
CA MET A 172 -21.04 -2.25 9.84
C MET A 172 -21.32 -2.89 11.19
N GLU A 173 -21.05 -4.20 11.31
CA GLU A 173 -21.38 -4.92 12.54
C GLU A 173 -20.60 -4.47 13.77
N VAL A 174 -19.28 -4.38 13.63
CA VAL A 174 -18.45 -4.12 14.81
C VAL A 174 -18.18 -2.63 15.03
N LEU A 175 -18.18 -1.85 13.95
CA LEU A 175 -17.90 -0.42 14.01
C LEU A 175 -19.14 0.46 13.87
N GLY A 176 -20.16 -0.04 13.18
CA GLY A 176 -21.40 0.70 13.04
C GLY A 176 -21.38 1.62 11.83
N LYS A 177 -22.43 2.42 11.72
CA LYS A 177 -22.68 3.22 10.52
C LYS A 177 -21.78 4.46 10.41
N ASP A 178 -21.09 4.83 11.50
CA ASP A 178 -20.15 5.94 11.43
C ASP A 178 -18.93 5.63 10.57
N PHE A 179 -18.73 4.35 10.24
CA PHE A 179 -17.54 3.94 9.50
C PHE A 179 -17.83 3.40 8.11
N SER A 180 -16.81 3.43 7.27
CA SER A 180 -16.98 3.00 5.89
C SER A 180 -15.74 2.28 5.37
N ILE A 181 -15.96 1.30 4.52
CA ILE A 181 -14.88 0.54 3.90
C ILE A 181 -14.97 0.73 2.41
N LEU A 182 -13.85 1.02 1.76
CA LEU A 182 -13.81 1.04 0.30
C LEU A 182 -12.59 0.26 -0.21
N ILE A 183 -12.80 -0.59 -1.20
CA ILE A 183 -11.68 -1.29 -1.81
C ILE A 183 -11.15 -0.49 -3.00
N CYS A 184 -9.84 -0.31 -3.02
CA CYS A 184 -9.20 0.46 -4.09
C CYS A 184 -8.27 -0.43 -4.88
N GLY A 185 -7.03 0.02 -5.08
CA GLY A 185 -6.05 -0.75 -5.82
C GLY A 185 -6.52 -1.04 -7.24
N SER A 186 -5.95 -2.08 -7.82
CA SER A 186 -6.18 -2.41 -9.23
C SER A 186 -7.63 -2.83 -9.45
N TYR A 187 -8.28 -3.19 -8.35
CA TYR A 187 -9.69 -3.55 -8.35
C TYR A 187 -10.58 -2.36 -8.70
N ARG A 188 -10.33 -1.23 -8.05
CA ARG A 188 -11.09 -0.03 -8.37
C ARG A 188 -10.76 0.40 -9.80
N ARG A 189 -9.56 0.06 -10.28
CA ARG A 189 -9.19 0.37 -11.66
C ARG A 189 -9.73 -0.67 -12.65
N ARG A 190 -10.58 -1.56 -12.16
CA ARG A 190 -11.31 -2.51 -13.02
C ARG A 190 -10.45 -3.53 -13.76
N HIS A 191 -9.27 -3.85 -13.24
CA HIS A 191 -8.50 -4.96 -13.78
C HIS A 191 -9.24 -6.28 -13.49
N PRO A 192 -9.19 -7.25 -14.42
CA PRO A 192 -9.88 -8.53 -14.17
C PRO A 192 -9.22 -9.33 -13.05
N PHE A 193 -7.95 -9.09 -12.78
CA PHE A 193 -7.26 -9.70 -11.65
C PHE A 193 -6.50 -8.65 -10.84
N SER A 194 -6.38 -8.89 -9.54
CA SER A 194 -5.61 -8.03 -8.65
C SER A 194 -4.60 -8.85 -7.84
N GLY A 195 -3.48 -8.23 -7.49
CA GLY A 195 -2.48 -8.88 -6.66
C GLY A 195 -2.89 -8.98 -5.19
N ASP A 196 -3.74 -8.06 -4.73
CA ASP A 196 -4.13 -8.05 -3.32
C ASP A 196 -5.39 -7.24 -3.06
N VAL A 197 -5.72 -7.05 -1.78
CA VAL A 197 -6.88 -6.27 -1.41
C VAL A 197 -6.44 -5.01 -0.65
N ASP A 198 -6.68 -3.84 -1.26
CA ASP A 198 -6.31 -2.57 -0.66
C ASP A 198 -7.52 -1.85 -0.15
N ALA A 199 -7.75 -1.93 1.16
CA ALA A 199 -8.92 -1.33 1.76
C ALA A 199 -8.63 0.00 2.44
N ILE A 200 -9.59 0.92 2.35
CA ILE A 200 -9.54 2.14 3.13
C ILE A 200 -10.67 2.09 4.12
N LEU A 201 -10.35 2.30 5.39
CA LEU A 201 -11.33 2.40 6.44
C LEU A 201 -11.39 3.86 6.90
N SER A 202 -12.60 4.42 6.93
CA SER A 202 -12.72 5.82 7.31
C SER A 202 -14.10 6.14 7.90
N ARG A 203 -14.16 7.23 8.68
CA ARG A 203 -15.43 7.73 9.17
C ARG A 203 -16.20 8.47 8.07
N THR A 204 -17.51 8.28 8.05
CA THR A 204 -18.34 8.93 7.05
C THR A 204 -18.37 10.44 7.27
N LEU A 205 -18.95 11.14 6.29
CA LEU A 205 -19.11 12.58 6.38
C LEU A 205 -20.12 12.98 7.46
N ASP A 206 -21.06 12.08 7.75
CA ASP A 206 -22.12 12.34 8.75
C ASP A 206 -21.76 11.93 10.17
N ALA A 207 -20.65 11.22 10.33
CA ALA A 207 -20.21 10.82 11.65
C ALA A 207 -19.81 12.05 12.45
N PRO A 208 -20.20 12.09 13.74
CA PRO A 208 -19.81 13.24 14.56
C PRO A 208 -18.29 13.36 14.63
N PRO A 209 -17.78 14.61 14.68
CA PRO A 209 -16.33 14.83 14.66
C PRO A 209 -15.69 14.32 15.93
N LEU A 210 -14.42 13.92 15.87
CA LEU A 210 -13.71 13.46 17.05
C LEU A 210 -12.79 14.57 17.54
N SER A 211 -12.37 14.49 18.79
CA SER A 211 -11.44 15.46 19.38
C SER A 211 -10.00 14.94 19.35
N GLU A 212 -9.78 13.90 18.56
CA GLU A 212 -8.46 13.31 18.44
C GLU A 212 -8.36 12.61 17.10
N PRO A 213 -7.13 12.23 16.71
CA PRO A 213 -6.99 11.42 15.49
C PRO A 213 -7.78 10.12 15.62
N VAL A 214 -8.47 9.73 14.56
CA VAL A 214 -9.25 8.51 14.59
C VAL A 214 -8.32 7.34 14.94
N ALA A 215 -7.09 7.40 14.43
CA ALA A 215 -6.09 6.36 14.71
C ALA A 215 -5.79 6.22 16.20
N ALA A 216 -5.99 7.29 16.97
CA ALA A 216 -5.76 7.24 18.42
C ALA A 216 -6.85 6.47 19.16
N THR A 217 -7.99 6.23 18.52
CA THR A 217 -9.07 5.52 19.19
C THR A 217 -8.81 4.01 19.23
N GLY A 218 -7.80 3.55 18.48
CA GLY A 218 -7.49 2.13 18.40
C GLY A 218 -8.47 1.34 17.53
N VAL A 219 -9.27 2.04 16.73
CA VAL A 219 -10.34 1.36 15.96
C VAL A 219 -9.82 0.37 14.90
N LEU A 220 -8.66 0.66 14.31
CA LEU A 220 -8.07 -0.28 13.35
C LEU A 220 -7.79 -1.61 14.05
N GLY A 221 -7.16 -1.55 15.22
CA GLY A 221 -6.90 -2.77 15.98
C GLY A 221 -8.16 -3.55 16.34
N HIS A 222 -9.23 -2.84 16.68
CA HIS A 222 -10.50 -3.44 17.05
C HIS A 222 -11.10 -4.14 15.84
N PHE A 223 -11.09 -3.47 14.71
CA PHE A 223 -11.56 -4.04 13.45
C PHE A 223 -10.77 -5.29 13.05
N VAL A 224 -9.44 -5.23 13.20
CA VAL A 224 -8.59 -6.37 12.91
C VAL A 224 -8.92 -7.58 13.79
N GLU A 225 -9.10 -7.34 15.08
CA GLU A 225 -9.44 -8.42 16.02
C GLU A 225 -10.80 -9.05 15.73
N PHE A 226 -11.76 -8.22 15.35
CA PHE A 226 -13.06 -8.75 14.99
C PHE A 226 -12.92 -9.73 13.83
N LEU A 227 -12.24 -9.28 12.78
CA LEU A 227 -12.00 -10.11 11.59
C LEU A 227 -11.19 -11.37 11.89
N GLU A 228 -10.29 -11.28 12.87
CA GLU A 228 -9.50 -12.44 13.29
C GLU A 228 -10.38 -13.46 14.00
N SER A 229 -11.28 -12.97 14.84
CA SER A 229 -12.16 -13.86 15.61
C SER A 229 -13.08 -14.61 14.66
N LEU A 230 -13.30 -14.04 13.48
CA LEU A 230 -14.09 -14.70 12.43
C LEU A 230 -13.25 -15.59 11.52
N LYS A 231 -11.94 -15.61 11.75
CA LYS A 231 -11.02 -16.44 10.94
C LYS A 231 -10.93 -15.95 9.50
N TYR A 232 -11.35 -14.71 9.26
CA TYR A 232 -11.09 -14.06 7.97
C TYR A 232 -9.61 -13.66 7.92
N LEU A 233 -9.20 -12.81 8.85
CA LEU A 233 -7.77 -12.47 8.97
C LEU A 233 -7.07 -13.59 9.74
N GLU A 234 -5.99 -14.12 9.17
CA GLU A 234 -5.36 -15.29 9.78
C GLU A 234 -3.85 -15.20 9.99
N ALA A 235 -3.24 -14.12 9.50
CA ALA A 235 -1.82 -13.90 9.68
C ALA A 235 -1.48 -12.43 9.48
N THR A 236 -0.58 -11.92 10.30
CA THR A 236 -0.22 -10.51 10.28
C THR A 236 1.23 -10.31 9.87
N MET A 237 1.44 -9.53 8.82
CA MET A 237 2.79 -9.22 8.41
C MET A 237 3.34 -8.02 9.15
N ALA A 238 2.50 -7.00 9.35
CA ALA A 238 2.89 -5.83 10.13
C ALA A 238 1.62 -5.06 10.47
N GLN A 239 1.58 -4.46 11.65
CA GLN A 239 0.41 -3.71 12.06
C GLN A 239 0.76 -2.54 13.00
N GLY A 240 0.34 -1.34 12.62
CA GLY A 240 0.42 -0.19 13.50
C GLY A 240 -0.96 0.45 13.57
N PRO A 241 -1.04 1.67 14.08
CA PRO A 241 -2.37 2.29 14.25
C PRO A 241 -2.96 2.84 12.94
N LEU A 242 -2.16 2.91 11.88
CA LEU A 242 -2.59 3.50 10.62
C LEU A 242 -2.76 2.47 9.51
N LYS A 243 -1.94 1.42 9.57
CA LYS A 243 -1.81 0.47 8.48
C LYS A 243 -1.72 -0.98 8.97
N TYR A 244 -2.57 -1.83 8.42
CA TYR A 244 -2.49 -3.25 8.70
C TYR A 244 -2.13 -3.98 7.42
N MET A 245 -1.17 -4.90 7.47
CA MET A 245 -0.86 -5.77 6.33
C MET A 245 -0.91 -7.22 6.79
N GLY A 246 -1.71 -8.05 6.12
CA GLY A 246 -1.82 -9.44 6.51
C GLY A 246 -2.48 -10.30 5.46
N MET A 247 -2.98 -11.45 5.90
CA MET A 247 -3.59 -12.42 5.00
C MET A 247 -5.03 -12.63 5.41
N GLY A 248 -5.93 -12.49 4.45
CA GLY A 248 -7.34 -12.70 4.72
C GLY A 248 -7.93 -13.76 3.80
N ARG A 249 -8.82 -14.57 4.35
CA ARG A 249 -9.38 -15.70 3.60
C ARG A 249 -10.90 -15.73 3.81
N LEU A 250 -11.64 -15.64 2.70
CA LEU A 250 -13.10 -15.74 2.76
C LEU A 250 -13.51 -17.09 3.35
N PRO A 251 -14.62 -17.11 4.11
CA PRO A 251 -15.14 -18.37 4.65
C PRO A 251 -15.57 -19.27 3.52
N PRO A 252 -15.48 -20.60 3.71
CA PRO A 252 -15.82 -21.53 2.64
C PRO A 252 -17.26 -21.34 2.20
N ARG A 253 -17.54 -21.47 0.90
CA ARG A 253 -18.92 -21.34 0.42
C ARG A 253 -19.44 -22.69 -0.05
N ILE A 254 -20.64 -23.02 0.40
CA ILE A 254 -21.24 -24.32 0.14
C ILE A 254 -22.51 -24.19 -0.69
N ASN A 263 -20.79 -29.65 -2.76
CA ASN A 263 -19.54 -28.99 -3.09
C ASN A 263 -19.28 -27.76 -2.23
N THR A 264 -18.17 -27.79 -1.48
CA THR A 264 -17.75 -26.63 -0.70
C THR A 264 -16.48 -26.06 -1.32
N LYS A 265 -16.49 -24.75 -1.57
CA LYS A 265 -15.34 -24.07 -2.15
C LYS A 265 -14.50 -23.45 -1.04
N VAL A 266 -13.27 -23.91 -0.92
CA VAL A 266 -12.32 -23.30 0.00
C VAL A 266 -11.49 -22.25 -0.73
N TYR A 267 -11.39 -21.07 -0.13
CA TYR A 267 -10.66 -19.95 -0.72
C TYR A 267 -9.18 -19.92 -0.31
N LYS A 268 -8.34 -19.37 -1.18
CA LYS A 268 -6.96 -19.11 -0.77
C LYS A 268 -6.88 -17.88 0.10
N ALA A 269 -5.79 -17.79 0.84
CA ALA A 269 -5.52 -16.62 1.64
C ALA A 269 -5.01 -15.52 0.70
N ARG A 270 -5.54 -14.32 0.89
CA ARG A 270 -5.14 -13.19 0.06
C ARG A 270 -4.41 -12.15 0.88
N ARG A 271 -3.48 -11.46 0.24
CA ARG A 271 -2.88 -10.29 0.86
C ARG A 271 -3.94 -9.22 1.02
N VAL A 272 -4.11 -8.76 2.26
CA VAL A 272 -5.06 -7.72 2.59
C VAL A 272 -4.34 -6.58 3.30
N ASP A 273 -4.46 -5.38 2.74
CA ASP A 273 -3.99 -4.16 3.39
C ASP A 273 -5.19 -3.33 3.83
N ILE A 274 -5.15 -2.82 5.05
CA ILE A 274 -6.17 -1.90 5.51
C ILE A 274 -5.49 -0.61 5.95
N ARG A 275 -5.96 0.51 5.40
CA ARG A 275 -5.47 1.84 5.80
C ARG A 275 -6.57 2.66 6.49
N LEU A 276 -6.29 3.14 7.69
CA LEU A 276 -7.24 3.99 8.40
C LEU A 276 -6.99 5.45 8.04
N ILE A 277 -8.02 6.13 7.55
CA ILE A 277 -7.87 7.47 7.00
C ILE A 277 -8.89 8.46 7.59
N GLU A 278 -8.44 9.67 7.93
CA GLU A 278 -9.35 10.71 8.38
C GLU A 278 -10.35 11.11 7.27
N THR A 279 -11.55 11.51 7.68
CA THR A 279 -12.61 11.80 6.72
C THR A 279 -12.18 12.86 5.70
N LYS A 280 -11.54 13.93 6.15
CA LYS A 280 -11.15 15.00 5.23
C LYS A 280 -10.05 14.53 4.26
N SER A 281 -9.44 13.39 4.56
CA SER A 281 -8.34 12.84 3.77
C SER A 281 -8.80 11.83 2.71
N VAL A 282 -10.06 11.44 2.76
CA VAL A 282 -10.59 10.37 1.90
C VAL A 282 -10.38 10.56 0.38
N PRO A 283 -10.64 11.78 -0.14
CA PRO A 283 -10.42 11.94 -1.60
C PRO A 283 -8.96 11.71 -2.06
N THR A 284 -8.02 12.24 -1.30
CA THR A 284 -6.61 12.05 -1.64
C THR A 284 -6.14 10.62 -1.36
N ALA A 285 -6.70 10.00 -0.31
CA ALA A 285 -6.42 8.59 -0.02
C ALA A 285 -6.94 7.67 -1.12
N MET A 286 -8.16 7.94 -1.60
CA MET A 286 -8.73 7.21 -2.73
C MET A 286 -7.82 7.34 -3.96
N LEU A 287 -7.34 8.56 -4.22
CA LEU A 287 -6.38 8.75 -5.31
C LEU A 287 -5.15 7.88 -5.07
N THR A 288 -4.54 8.03 -3.90
CA THR A 288 -3.30 7.31 -3.62
C THR A 288 -3.46 5.79 -3.68
N PHE A 289 -4.44 5.27 -2.95
CA PHE A 289 -4.61 3.83 -2.82
C PHE A 289 -5.26 3.17 -4.04
N THR A 290 -5.80 3.98 -4.94
CA THR A 290 -6.27 3.46 -6.23
C THR A 290 -5.11 3.39 -7.22
N GLY A 291 -4.23 4.39 -7.17
CA GLY A 291 -3.05 4.39 -8.02
C GLY A 291 -3.46 4.52 -9.48
N SER A 292 -2.74 3.87 -10.40
CA SER A 292 -1.62 3.00 -10.08
C SER A 292 -0.44 3.76 -9.50
N LYS A 293 0.59 3.02 -9.12
CA LYS A 293 1.79 3.61 -8.56
C LYS A 293 2.43 4.64 -9.49
N ASN A 294 2.60 4.30 -10.77
CA ASN A 294 3.20 5.23 -11.72
C ASN A 294 2.35 6.48 -11.83
N PHE A 295 1.04 6.25 -11.88
CA PHE A 295 0.10 7.34 -11.91
C PHE A 295 0.28 8.28 -10.70
N ASN A 296 0.46 7.71 -9.52
CA ASN A 296 0.66 8.52 -8.33
C ASN A 296 1.89 9.38 -8.46
N VAL A 297 2.96 8.78 -8.98
CA VAL A 297 4.23 9.50 -9.08
C VAL A 297 4.08 10.67 -10.06
N ILE A 298 3.41 10.41 -11.18
CA ILE A 298 3.14 11.46 -12.17
C ILE A 298 2.33 12.61 -11.58
N MET A 299 1.25 12.29 -10.89
CA MET A 299 0.41 13.34 -10.32
C MET A 299 1.16 14.14 -9.25
N ARG A 300 1.96 13.44 -8.45
CA ARG A 300 2.79 14.07 -7.42
C ARG A 300 3.90 14.95 -7.99
N GLN A 301 4.45 14.57 -9.15
CA GLN A 301 5.41 15.42 -9.84
C GLN A 301 4.73 16.69 -10.37
N ALA A 302 3.50 16.55 -10.87
CA ALA A 302 2.73 17.70 -11.33
C ALA A 302 2.47 18.66 -10.15
N ALA A 303 2.18 18.09 -8.99
CA ALA A 303 2.00 18.85 -7.77
C ALA A 303 3.28 19.64 -7.41
N ILE A 304 4.40 18.93 -7.34
CA ILE A 304 5.69 19.55 -7.04
C ILE A 304 5.95 20.72 -7.97
N SER A 305 5.71 20.50 -9.26
CA SER A 305 5.95 21.53 -10.26
C SER A 305 5.07 22.77 -10.04
N LYS A 306 3.97 22.61 -9.31
CA LYS A 306 3.13 23.77 -9.02
C LYS A 306 3.25 24.30 -7.60
N GLY A 307 4.18 23.75 -6.82
CA GLY A 307 4.47 24.20 -5.47
C GLY A 307 3.58 23.53 -4.43
N TYR A 308 3.06 22.35 -4.77
CA TYR A 308 2.21 21.62 -3.85
C TYR A 308 2.89 20.34 -3.37
N LEU A 309 2.42 19.83 -2.24
CA LEU A 309 2.75 18.51 -1.77
C LEU A 309 1.47 17.70 -1.82
N LEU A 310 1.52 16.59 -2.53
CA LEU A 310 0.38 15.71 -2.59
C LEU A 310 0.71 14.37 -1.95
N ASN A 311 -0.09 13.97 -0.97
CA ASN A 311 0.03 12.65 -0.39
C ASN A 311 -1.36 12.11 -0.09
N GLU A 312 -1.46 10.98 0.60
CA GLU A 312 -2.78 10.39 0.84
C GLU A 312 -3.62 11.25 1.78
N TYR A 313 -2.96 12.13 2.53
CA TYR A 313 -3.63 12.91 3.57
C TYR A 313 -4.21 14.23 3.07
N GLY A 314 -3.75 14.71 1.92
CA GLY A 314 -4.25 15.97 1.43
C GLY A 314 -3.42 16.55 0.31
N LEU A 315 -3.88 17.70 -0.17
CA LEU A 315 -3.15 18.54 -1.10
C LEU A 315 -2.74 19.80 -0.34
N PHE A 316 -1.43 20.05 -0.30
CA PHE A 316 -0.90 21.15 0.50
C PHE A 316 -0.15 22.13 -0.39
N LYS A 317 -0.53 23.39 -0.33
CA LYS A 317 0.14 24.38 -1.15
C LYS A 317 1.32 24.97 -0.40
N LEU A 318 2.52 24.52 -0.75
CA LEU A 318 3.74 24.92 -0.06
C LEU A 318 4.38 26.22 -0.60
N GLY A 319 4.21 26.50 -1.89
CA GLY A 319 4.70 27.74 -2.45
C GLY A 319 5.99 27.52 -3.21
N THR A 320 6.90 28.49 -3.15
CA THR A 320 8.16 28.39 -3.86
C THR A 320 9.01 27.29 -3.24
N PRO A 321 10.06 26.85 -3.97
CA PRO A 321 10.86 25.72 -3.50
C PRO A 321 11.59 26.04 -2.19
N GLU A 322 11.89 27.31 -1.95
CA GLU A 322 12.58 27.71 -0.73
C GLU A 322 11.61 27.88 0.44
N GLU A 323 10.36 28.23 0.13
CA GLU A 323 9.33 28.26 1.16
C GLU A 323 9.06 26.83 1.63
N ALA A 324 9.14 25.88 0.69
CA ALA A 324 8.93 24.48 1.02
C ALA A 324 10.03 23.99 1.93
N ARG A 325 11.28 24.27 1.54
CA ARG A 325 12.44 23.92 2.35
C ARG A 325 12.32 24.54 3.73
N ALA A 326 12.01 25.82 3.78
CA ALA A 326 11.79 26.49 5.06
C ALA A 326 10.78 25.71 5.90
N LEU A 327 9.62 25.39 5.31
CA LEU A 327 8.57 24.71 6.06
C LEU A 327 9.08 23.41 6.63
N TYR A 328 9.76 22.62 5.79
CA TYR A 328 10.31 21.34 6.20
C TYR A 328 11.36 21.50 7.30
N GLU A 329 11.93 22.70 7.41
CA GLU A 329 12.87 22.99 8.48
C GLU A 329 12.19 22.87 9.83
N ARG A 330 10.96 23.34 9.92
CA ARG A 330 10.21 23.25 11.16
C ARG A 330 9.55 21.88 11.35
N ILE A 331 8.86 21.42 10.31
CA ILE A 331 7.86 20.35 10.44
C ILE A 331 8.32 18.93 10.03
N GLY A 332 9.12 18.84 8.98
CA GLY A 332 9.63 17.54 8.52
C GLY A 332 10.81 17.11 9.38
N ILE A 333 12.02 17.52 8.98
CA ILE A 333 13.25 17.24 9.73
C ILE A 333 13.51 15.74 9.88
N ARG A 334 12.71 14.93 9.18
CA ARG A 334 12.76 13.49 9.35
C ARG A 334 13.05 12.74 8.04
N GLY A 335 13.39 11.47 8.17
CA GLY A 335 13.35 10.54 7.06
C GLY A 335 12.04 9.77 7.17
N LYS A 336 11.04 10.45 7.74
CA LYS A 336 9.74 9.86 8.06
C LYS A 336 8.67 10.34 7.06
N ASN A 337 8.25 11.59 7.20
CA ASN A 337 7.28 12.19 6.28
C ASN A 337 7.37 13.71 6.36
N ALA A 338 6.61 14.39 5.51
CA ALA A 338 6.61 15.86 5.47
C ALA A 338 6.08 16.54 6.75
N GLY A 339 5.35 15.81 7.60
CA GLY A 339 4.84 16.42 8.82
C GLY A 339 3.44 16.01 9.22
N GLU A 340 3.21 14.70 9.29
CA GLU A 340 1.95 14.13 9.76
C GLU A 340 2.27 13.22 10.93
N GLU A 341 1.38 13.18 11.92
CA GLU A 341 1.45 12.17 12.97
C GLU A 341 0.09 11.51 13.07
N LEU A 342 0.08 10.18 13.15
CA LEU A 342 -1.18 9.46 13.23
C LEU A 342 -2.12 9.93 12.12
N GLY A 343 -1.58 10.18 10.94
CA GLY A 343 -2.44 10.46 9.79
C GLY A 343 -3.06 11.85 9.76
N VAL A 344 -2.57 12.74 10.62
CA VAL A 344 -3.08 14.10 10.74
C VAL A 344 -1.89 15.07 10.63
N PRO A 345 -1.89 15.94 9.59
CA PRO A 345 -0.80 16.90 9.45
C PRO A 345 -0.64 17.77 10.70
N LYS A 346 0.61 18.05 11.05
CA LYS A 346 0.89 19.03 12.09
C LYS A 346 0.22 20.34 11.71
N ASP A 347 -0.03 21.19 12.70
CA ASP A 347 -0.78 22.43 12.48
C ASP A 347 -0.18 23.30 11.37
N GLU A 348 1.15 23.42 11.34
CA GLU A 348 1.79 24.26 10.32
C GLU A 348 1.63 23.71 8.91
N LEU A 349 1.59 22.39 8.78
CA LEU A 349 1.32 21.77 7.48
C LEU A 349 -0.16 21.91 7.13
N GLU A 350 -1.02 21.73 8.14
CA GLU A 350 -2.46 21.79 7.96
C GLU A 350 -2.88 23.17 7.43
N ASP A 351 -2.18 24.22 7.85
CA ASP A 351 -2.44 25.56 7.35
C ASP A 351 -2.22 25.68 5.84
N LYS A 352 -1.53 24.69 5.25
CA LYS A 352 -1.21 24.73 3.83
C LYS A 352 -2.24 23.98 3.03
N ARG A 353 -3.15 23.31 3.72
CA ARG A 353 -4.14 22.44 3.07
C ARG A 353 -5.03 23.20 2.10
N VAL A 354 -5.16 22.66 0.90
CA VAL A 354 -6.27 23.02 0.01
C VAL A 354 -7.36 21.97 0.18
N GLU A 355 -8.50 22.36 0.75
CA GLU A 355 -9.55 21.39 1.00
C GLU A 355 -10.13 20.88 -0.30
N VAL A 356 -10.38 19.57 -0.35
CA VAL A 356 -10.99 18.97 -1.51
C VAL A 356 -12.04 17.97 -1.06
N ARG A 357 -13.06 17.79 -1.87
CA ARG A 357 -14.09 16.86 -1.52
C ARG A 357 -14.20 15.74 -2.56
N SER A 358 -13.35 15.76 -3.59
CA SER A 358 -13.45 14.76 -4.61
C SER A 358 -12.11 14.59 -5.30
N GLU A 359 -11.93 13.46 -5.96
CA GLU A 359 -10.75 13.22 -6.79
C GLU A 359 -10.65 14.29 -7.87
N GLN A 360 -11.79 14.65 -8.47
CA GLN A 360 -11.86 15.68 -9.49
C GLN A 360 -11.24 17.01 -9.02
N ASP A 361 -11.54 17.36 -7.76
CA ASP A 361 -10.97 18.57 -7.18
C ASP A 361 -9.45 18.63 -7.35
N VAL A 362 -8.80 17.51 -7.01
CA VAL A 362 -7.34 17.44 -7.05
C VAL A 362 -6.81 17.60 -8.48
N PHE A 363 -7.42 16.87 -9.41
CA PHE A 363 -7.07 17.01 -10.82
C PHE A 363 -7.19 18.48 -11.22
N ASP A 364 -8.29 19.12 -10.81
CA ASP A 364 -8.58 20.50 -11.22
C ASP A 364 -7.51 21.49 -10.71
N VAL A 365 -7.16 21.38 -9.44
CA VAL A 365 -6.19 22.27 -8.82
C VAL A 365 -4.83 22.07 -9.48
N LEU A 366 -4.55 20.84 -9.91
CA LEU A 366 -3.28 20.49 -10.51
C LEU A 366 -3.27 20.66 -12.02
N GLY A 367 -4.39 21.12 -12.58
CA GLY A 367 -4.45 21.41 -14.00
C GLY A 367 -4.32 20.17 -14.88
N MET A 368 -4.82 19.03 -14.39
CA MET A 368 -4.81 17.80 -15.19
C MET A 368 -6.26 17.37 -15.47
N PRO A 369 -6.51 16.83 -16.68
CA PRO A 369 -7.83 16.31 -17.03
C PRO A 369 -8.18 15.12 -16.16
N TYR A 370 -9.43 15.04 -15.70
CA TYR A 370 -9.85 13.91 -14.90
C TYR A 370 -9.56 12.59 -15.62
N ALA A 371 -9.07 11.62 -14.88
CA ALA A 371 -8.99 10.27 -15.42
C ALA A 371 -9.77 9.31 -14.54
N LYS A 372 -10.72 8.59 -15.15
CA LYS A 372 -11.42 7.51 -14.46
C LYS A 372 -10.40 6.52 -13.94
N PRO A 373 -10.74 5.81 -12.86
CA PRO A 373 -9.80 4.86 -12.26
C PRO A 373 -9.26 3.86 -13.27
N GLU A 374 -10.09 3.40 -14.21
CA GLU A 374 -9.65 2.43 -15.22
C GLU A 374 -8.72 3.05 -16.25
N ASN A 375 -8.53 4.35 -16.17
CA ASN A 375 -7.57 5.00 -17.07
C ASN A 375 -6.34 5.53 -16.32
N ARG A 376 -6.07 4.97 -15.16
CA ARG A 376 -4.89 5.37 -14.38
C ARG A 376 -3.84 4.26 -14.39
N ASP A 377 -3.55 3.73 -15.58
CA ASP A 377 -2.49 2.75 -15.79
C ASP A 377 -1.46 3.24 -16.79
N PRO A 378 -0.81 4.38 -16.51
CA PRO A 378 0.15 4.91 -17.49
C PRO A 378 1.45 4.10 -17.47
#